data_2RIH
#
_entry.id   2RIH
#
_cell.length_a   57.778
_cell.length_b   98.486
_cell.length_c   51.568
_cell.angle_alpha   90.000
_cell.angle_beta   90.000
_cell.angle_gamma   90.000
#
_symmetry.space_group_name_H-M   'P 21 21 2'
#
loop_
_entity.id
_entity.type
_entity.pdbx_description
1 polymer 'Conserved protein with 2 CBS domains'
2 non-polymer 'SULFATE ION'
3 non-polymer 'ACETIC ACID'
4 water water
#
_entity_poly.entity_id   1
_entity_poly.type   'polypeptide(L)'
_entity_poly.pdbx_seq_one_letter_code
;GAMAIRTSELLKRPPVSLPETATIREVATELAKNRVGLAVLTARDNPKRPVAVVSERDILRAVAQRLDLDGPAMPIANSP
ITVLDTDPVHVAAEKMRRHNIRHVVVVNKNGELVGVLSIRDLCFERAILLELATAEVPATP
;
_entity_poly.pdbx_strand_id   A,B
#
# COMPACT_ATOMS: atom_id res chain seq x y z
N ILE A 5 4.82 11.98 -20.05
CA ILE A 5 5.17 10.61 -19.58
C ILE A 5 3.92 9.73 -19.58
N ARG A 6 4.02 8.57 -20.22
CA ARG A 6 2.92 7.59 -20.32
C ARG A 6 3.06 6.52 -19.25
N THR A 7 1.93 5.91 -18.89
CA THR A 7 1.90 4.87 -17.84
C THR A 7 2.82 3.69 -18.17
N SER A 8 2.86 3.30 -19.44
CA SER A 8 3.72 2.22 -19.92
C SER A 8 5.20 2.43 -19.61
N GLU A 9 5.63 3.69 -19.57
CA GLU A 9 7.02 4.04 -19.31
C GLU A 9 7.48 3.73 -17.88
N LEU A 10 6.52 3.56 -16.97
CA LEU A 10 6.82 3.31 -15.56
C LEU A 10 6.53 1.89 -15.11
N LEU A 11 6.21 1.00 -16.03
CA LEU A 11 5.94 -0.39 -15.69
C LEU A 11 7.25 -1.12 -15.45
N LYS A 12 7.32 -1.88 -14.37
CA LYS A 12 8.59 -2.47 -13.96
C LYS A 12 8.72 -3.97 -14.28
N ARG A 13 7.75 -4.77 -13.83
CA ARG A 13 7.75 -6.23 -14.05
C ARG A 13 6.40 -6.69 -14.60
N PRO A 14 6.32 -7.94 -15.10
CA PRO A 14 4.99 -8.38 -15.49
C PRO A 14 4.04 -8.38 -14.29
N PRO A 15 2.75 -8.09 -14.53
CA PRO A 15 1.82 -8.01 -13.42
C PRO A 15 1.56 -9.39 -12.83
N VAL A 16 1.19 -9.40 -11.55
CA VAL A 16 0.74 -10.61 -10.90
C VAL A 16 -0.69 -10.87 -11.32
N SER A 17 -0.92 -11.95 -12.05
CA SER A 17 -2.27 -12.33 -12.41
C SER A 17 -2.50 -13.79 -12.09
N LEU A 18 -3.73 -14.09 -11.68
CA LEU A 18 -4.15 -15.45 -11.38
C LEU A 18 -5.53 -15.64 -12.00
N PRO A 19 -5.89 -16.90 -12.33
CA PRO A 19 -7.26 -17.10 -12.80
C PRO A 19 -8.29 -16.74 -11.72
N GLU A 20 -9.48 -16.38 -12.18
CA GLU A 20 -10.58 -15.95 -11.30
C GLU A 20 -11.01 -16.96 -10.23
N THR A 21 -10.60 -18.22 -10.38
CA THR A 21 -10.87 -19.29 -9.41
C THR A 21 -9.85 -19.37 -8.27
N ALA A 22 -8.82 -18.52 -8.32
CA ALA A 22 -7.77 -18.51 -7.32
C ALA A 22 -8.30 -18.39 -5.88
N THR A 23 -7.60 -19.00 -4.94
CA THR A 23 -7.93 -18.86 -3.54
C THR A 23 -7.27 -17.60 -3.01
N ILE A 24 -7.69 -17.18 -1.83
CA ILE A 24 -7.12 -16.00 -1.17
C ILE A 24 -5.62 -16.18 -0.88
N ARG A 25 -5.24 -17.35 -0.39
CA ARG A 25 -3.84 -17.62 -0.07
C ARG A 25 -2.97 -17.76 -1.31
N GLU A 26 -3.54 -18.25 -2.41
CA GLU A 26 -2.82 -18.32 -3.69
C GLU A 26 -2.43 -16.92 -4.14
N VAL A 27 -3.38 -15.98 -4.05
CA VAL A 27 -3.12 -14.58 -4.37
C VAL A 27 -2.04 -14.01 -3.47
N ALA A 28 -2.19 -14.21 -2.16
CA ALA A 28 -1.19 -13.78 -1.17
C ALA A 28 0.20 -14.32 -1.45
N THR A 29 0.29 -15.59 -1.85
CA THR A 29 1.57 -16.23 -2.15
C THR A 29 2.26 -15.56 -3.35
N GLU A 30 1.50 -15.34 -4.41
CA GLU A 30 2.05 -14.73 -5.61
C GLU A 30 2.46 -13.28 -5.39
N LEU A 31 1.65 -12.53 -4.65
CA LEU A 31 2.00 -11.15 -4.29
C LEU A 31 3.24 -11.08 -3.41
N ALA A 32 3.32 -11.94 -2.41
CA ALA A 32 4.48 -11.99 -1.51
C ALA A 32 5.76 -12.28 -2.27
N LYS A 33 5.69 -13.27 -3.16
CA LYS A 33 6.79 -13.68 -4.05
C LYS A 33 7.31 -12.56 -4.95
N ASN A 34 6.40 -11.82 -5.57
CA ASN A 34 6.75 -10.74 -6.50
C ASN A 34 6.97 -9.38 -5.83
N ARG A 35 6.71 -9.32 -4.53
CA ARG A 35 6.92 -8.11 -3.71
C ARG A 35 6.15 -6.92 -4.24
N VAL A 36 4.88 -7.16 -4.58
CA VAL A 36 3.97 -6.11 -5.03
C VAL A 36 2.65 -6.30 -4.30
N GLY A 37 1.75 -5.34 -4.41
CA GLY A 37 0.56 -5.31 -3.57
C GLY A 37 -0.78 -5.51 -4.23
N LEU A 38 -0.80 -5.63 -5.56
CA LEU A 38 -2.05 -5.88 -6.27
C LEU A 38 -1.94 -7.00 -7.31
N ALA A 39 -2.88 -7.94 -7.20
CA ALA A 39 -3.03 -9.04 -8.13
C ALA A 39 -4.27 -8.82 -9.03
N VAL A 40 -4.15 -9.18 -10.30
CA VAL A 40 -5.27 -9.14 -11.22
C VAL A 40 -5.84 -10.55 -11.40
N LEU A 41 -7.14 -10.70 -11.22
CA LEU A 41 -7.82 -11.97 -11.50
C LEU A 41 -8.31 -11.89 -12.94
N THR A 42 -8.00 -12.92 -13.73
CA THR A 42 -8.31 -12.91 -15.15
C THR A 42 -9.40 -13.93 -15.50
N ALA A 43 -10.07 -13.68 -16.61
CA ALA A 43 -11.15 -14.53 -17.07
C ALA A 43 -10.63 -15.95 -17.32
N ARG A 44 -11.40 -16.93 -16.87
CA ARG A 44 -11.04 -18.33 -17.05
CA ARG A 44 -11.04 -18.34 -17.04
C ARG A 44 -10.73 -18.67 -18.51
N ASP A 45 -11.52 -18.15 -19.44
N ASP A 45 -11.54 -18.12 -19.41
CA ASP A 45 -11.33 -18.44 -20.87
CA ASP A 45 -11.44 -18.31 -20.85
C ASP A 45 -10.38 -17.45 -21.59
C ASP A 45 -10.32 -17.51 -21.51
N ASN A 46 -9.95 -16.38 -20.91
CA ASN A 46 -8.97 -15.46 -21.48
C ASN A 46 -8.05 -14.85 -20.41
N PRO A 47 -6.85 -15.42 -20.24
CA PRO A 47 -5.87 -14.91 -19.26
C PRO A 47 -5.40 -13.46 -19.45
N LYS A 48 -5.73 -12.84 -20.58
CA LYS A 48 -5.34 -11.47 -20.84
C LYS A 48 -6.38 -10.44 -20.38
N ARG A 49 -7.61 -10.91 -20.13
CA ARG A 49 -8.72 -10.03 -19.77
CA ARG A 49 -8.72 -10.03 -19.77
C ARG A 49 -8.89 -9.93 -18.25
N PRO A 50 -8.67 -8.73 -17.67
CA PRO A 50 -8.93 -8.56 -16.23
C PRO A 50 -10.42 -8.59 -15.89
N VAL A 51 -10.77 -9.30 -14.82
CA VAL A 51 -12.16 -9.32 -14.34
C VAL A 51 -12.26 -8.79 -12.91
N ALA A 52 -11.15 -8.81 -12.18
CA ALA A 52 -11.17 -8.37 -10.80
C ALA A 52 -9.75 -8.11 -10.32
N VAL A 53 -9.65 -7.43 -9.20
CA VAL A 53 -8.38 -7.20 -8.53
C VAL A 53 -8.49 -7.54 -7.03
N VAL A 54 -7.38 -8.04 -6.50
CA VAL A 54 -7.23 -8.32 -5.08
C VAL A 54 -5.93 -7.70 -4.62
N SER A 55 -6.00 -6.78 -3.67
CA SER A 55 -4.78 -6.19 -3.11
C SER A 55 -4.53 -6.73 -1.71
N GLU A 56 -3.32 -6.47 -1.22
CA GLU A 56 -2.93 -6.78 0.15
C GLU A 56 -3.91 -6.15 1.16
N ARG A 57 -4.53 -5.04 0.77
CA ARG A 57 -5.56 -4.43 1.59
C ARG A 57 -6.81 -5.29 1.73
N ASP A 58 -7.20 -5.95 0.64
CA ASP A 58 -8.34 -6.87 0.68
C ASP A 58 -8.01 -8.10 1.52
N ILE A 59 -6.79 -8.59 1.37
CA ILE A 59 -6.31 -9.70 2.18
C ILE A 59 -6.26 -9.32 3.67
N LEU A 60 -5.85 -8.08 3.95
CA LEU A 60 -5.82 -7.56 5.30
C LEU A 60 -7.22 -7.66 5.94
N ARG A 61 -8.22 -7.19 5.20
CA ARG A 61 -9.61 -7.24 5.66
CA ARG A 61 -9.62 -7.24 5.66
C ARG A 61 -10.08 -8.68 5.89
N ALA A 62 -9.65 -9.58 5.01
CA ALA A 62 -9.95 -11.01 5.11
C ALA A 62 -9.45 -11.60 6.43
N VAL A 63 -8.20 -11.25 6.77
CA VAL A 63 -7.58 -11.65 8.02
C VAL A 63 -8.39 -11.10 9.22
N ALA A 64 -8.67 -9.80 9.21
CA ALA A 64 -9.43 -9.13 10.27
C ALA A 64 -10.80 -9.78 10.50
N GLN A 65 -11.43 -10.26 9.43
CA GLN A 65 -12.75 -10.90 9.49
C GLN A 65 -12.71 -12.41 9.71
N ARG A 66 -11.50 -12.98 9.82
CA ARG A 66 -11.32 -14.41 10.08
C ARG A 66 -11.95 -15.29 9.00
N LEU A 67 -11.82 -14.85 7.75
CA LEU A 67 -12.31 -15.64 6.62
C LEU A 67 -11.40 -16.84 6.39
N ASP A 68 -11.97 -17.86 5.76
CA ASP A 68 -11.21 -18.99 5.31
C ASP A 68 -10.30 -18.49 4.19
N LEU A 69 -9.02 -18.33 4.54
CA LEU A 69 -7.99 -17.81 3.62
C LEU A 69 -7.63 -18.81 2.51
N ASP A 70 -8.10 -20.05 2.63
CA ASP A 70 -7.98 -21.03 1.54
C ASP A 70 -9.30 -21.16 0.75
N GLY A 71 -10.24 -20.27 1.02
CA GLY A 71 -11.45 -20.15 0.20
C GLY A 71 -11.19 -19.26 -1.01
N PRO A 72 -12.19 -19.11 -1.89
CA PRO A 72 -12.03 -18.29 -3.08
C PRO A 72 -11.69 -16.82 -2.81
N ALA A 73 -10.85 -16.25 -3.68
CA ALA A 73 -10.47 -14.84 -3.61
C ALA A 73 -11.50 -13.93 -4.27
N MET A 74 -12.25 -14.43 -5.25
CA MET A 74 -13.22 -13.58 -5.97
C MET A 74 -14.19 -12.82 -5.07
N PRO A 75 -14.79 -13.49 -4.06
CA PRO A 75 -15.65 -12.75 -3.13
C PRO A 75 -15.00 -11.55 -2.41
N ILE A 76 -13.68 -11.53 -2.26
CA ILE A 76 -13.02 -10.37 -1.63
C ILE A 76 -12.47 -9.38 -2.67
N ALA A 77 -12.64 -9.72 -3.95
CA ALA A 77 -12.11 -8.94 -5.06
C ALA A 77 -12.92 -7.69 -5.37
N ASN A 78 -12.31 -6.78 -6.12
CA ASN A 78 -12.94 -5.53 -6.53
C ASN A 78 -12.89 -5.41 -8.04
N SER A 79 -13.77 -4.58 -8.59
CA SER A 79 -13.80 -4.33 -10.03
C SER A 79 -12.51 -3.62 -10.44
N PRO A 80 -11.91 -4.00 -11.58
CA PRO A 80 -10.65 -3.34 -11.98
C PRO A 80 -10.83 -1.87 -12.38
N ILE A 81 -10.07 -0.99 -11.74
CA ILE A 81 -9.97 0.40 -12.13
C ILE A 81 -8.76 0.50 -13.06
N THR A 82 -9.02 0.82 -14.32
CA THR A 82 -8.01 0.73 -15.35
C THR A 82 -7.61 2.07 -15.97
N VAL A 83 -6.40 2.08 -16.51
CA VAL A 83 -5.94 3.15 -17.40
C VAL A 83 -5.31 2.48 -18.62
N LEU A 84 -5.17 3.26 -19.69
CA LEU A 84 -4.49 2.78 -20.89
C LEU A 84 -2.98 2.90 -20.73
N ASP A 85 -2.24 1.99 -21.38
CA ASP A 85 -0.78 2.05 -21.44
C ASP A 85 -0.27 3.35 -22.10
N THR A 86 -1.12 3.96 -22.92
CA THR A 86 -0.84 5.21 -23.61
C THR A 86 -1.34 6.48 -22.89
N ASP A 87 -2.05 6.32 -21.78
CA ASP A 87 -2.48 7.48 -20.98
C ASP A 87 -1.29 8.15 -20.30
N PRO A 88 -1.33 9.50 -20.20
CA PRO A 88 -0.36 10.20 -19.38
C PRO A 88 -0.51 9.82 -17.91
N VAL A 89 0.60 9.85 -17.18
CA VAL A 89 0.62 9.41 -15.79
C VAL A 89 -0.35 10.20 -14.87
N HIS A 90 -0.73 11.42 -15.26
CA HIS A 90 -1.65 12.21 -14.44
C HIS A 90 -3.06 11.60 -14.41
N VAL A 91 -3.42 10.89 -15.48
CA VAL A 91 -4.67 10.15 -15.53
C VAL A 91 -4.71 9.02 -14.49
N ALA A 92 -3.57 8.35 -14.28
CA ALA A 92 -3.47 7.28 -13.28
C ALA A 92 -3.54 7.84 -11.86
N ALA A 93 -2.75 8.88 -11.60
CA ALA A 93 -2.76 9.57 -10.32
C ALA A 93 -4.15 10.02 -9.93
N GLU A 94 -4.85 10.66 -10.87
CA GLU A 94 -6.21 11.11 -10.63
C GLU A 94 -7.17 9.95 -10.31
N LYS A 95 -7.09 8.87 -11.08
CA LYS A 95 -7.91 7.69 -10.79
C LYS A 95 -7.59 7.12 -9.40
N MET A 96 -6.32 7.09 -9.01
CA MET A 96 -5.95 6.64 -7.68
C MET A 96 -6.58 7.54 -6.62
N ARG A 97 -6.45 8.85 -6.81
N ARG A 97 -6.47 8.85 -6.82
CA ARG A 97 -7.00 9.84 -5.88
CA ARG A 97 -6.99 9.82 -5.87
C ARG A 97 -8.52 9.74 -5.76
C ARG A 97 -8.51 9.78 -5.77
N ARG A 98 -9.20 9.70 -6.90
CA ARG A 98 -10.66 9.74 -6.95
C ARG A 98 -11.32 8.43 -6.51
N HIS A 99 -10.63 7.31 -6.65
CA HIS A 99 -11.17 6.02 -6.20
C HIS A 99 -10.60 5.57 -4.86
N ASN A 100 -9.72 6.37 -4.26
CA ASN A 100 -9.11 6.06 -2.95
C ASN A 100 -8.34 4.74 -2.96
N ILE A 101 -7.57 4.55 -4.03
CA ILE A 101 -6.77 3.34 -4.22
C ILE A 101 -5.31 3.73 -4.47
N ARG A 102 -4.43 2.74 -4.42
CA ARG A 102 -3.01 2.99 -4.57
C ARG A 102 -2.41 2.24 -5.73
N HIS A 103 -3.28 1.67 -6.56
CA HIS A 103 -2.88 0.95 -7.77
C HIS A 103 -3.90 1.22 -8.86
N VAL A 104 -3.47 1.04 -10.11
CA VAL A 104 -4.39 0.96 -11.24
C VAL A 104 -3.90 -0.14 -12.17
N VAL A 105 -4.84 -0.80 -12.82
CA VAL A 105 -4.55 -1.83 -13.80
C VAL A 105 -4.30 -1.13 -15.13
N VAL A 106 -3.15 -1.38 -15.74
CA VAL A 106 -2.83 -0.81 -17.05
C VAL A 106 -3.22 -1.81 -18.13
N VAL A 107 -4.03 -1.36 -19.08
CA VAL A 107 -4.47 -2.19 -20.19
C VAL A 107 -4.17 -1.49 -21.51
N ASN A 108 -4.18 -2.25 -22.61
CA ASN A 108 -4.01 -1.67 -23.93
C ASN A 108 -5.36 -1.38 -24.57
N LYS A 109 -5.34 -0.79 -25.77
CA LYS A 109 -6.56 -0.43 -26.52
C LYS A 109 -7.53 -1.60 -26.74
N ASN A 110 -7.00 -2.83 -26.69
CA ASN A 110 -7.80 -4.05 -26.85
C ASN A 110 -8.25 -4.65 -25.52
N GLY A 111 -8.03 -3.92 -24.43
CA GLY A 111 -8.49 -4.32 -23.10
C GLY A 111 -7.65 -5.41 -22.43
N GLU A 112 -6.49 -5.71 -23.00
CA GLU A 112 -5.62 -6.74 -22.46
C GLU A 112 -4.75 -6.14 -21.36
N LEU A 113 -4.44 -6.97 -20.37
CA LEU A 113 -3.58 -6.58 -19.26
C LEU A 113 -2.15 -6.33 -19.73
N VAL A 114 -1.63 -5.15 -19.42
CA VAL A 114 -0.25 -4.78 -19.73
C VAL A 114 0.57 -4.79 -18.44
N GLY A 115 0.01 -4.22 -17.39
CA GLY A 115 0.71 -4.16 -16.13
C GLY A 115 -0.17 -3.58 -15.05
N VAL A 116 0.48 -3.33 -13.91
CA VAL A 116 -0.13 -2.68 -12.77
C VAL A 116 0.81 -1.55 -12.35
N LEU A 117 0.24 -0.37 -12.22
CA LEU A 117 0.97 0.82 -11.81
C LEU A 117 0.64 1.09 -10.35
N SER A 118 1.69 1.36 -9.56
CA SER A 118 1.54 1.68 -8.16
C SER A 118 1.75 3.16 -7.90
N ILE A 119 1.25 3.61 -6.75
CA ILE A 119 1.53 4.95 -6.26
C ILE A 119 3.05 5.16 -6.04
N ARG A 120 3.78 4.10 -5.72
CA ARG A 120 5.25 4.13 -5.66
C ARG A 120 5.90 4.56 -6.95
N ASP A 121 5.32 4.12 -8.08
CA ASP A 121 5.87 4.40 -9.41
C ASP A 121 5.71 5.88 -9.79
N LEU A 122 4.67 6.52 -9.27
CA LEU A 122 4.32 7.87 -9.64
C LEU A 122 4.88 8.95 -8.73
N CYS A 123 5.13 8.60 -7.48
CA CYS A 123 5.26 9.62 -6.44
C CYS A 123 6.66 9.87 -5.90
N PHE A 124 7.66 9.18 -6.45
CA PHE A 124 9.05 9.36 -6.00
C PHE A 124 9.89 10.29 -6.89
N GLU A 125 9.89 10.07 -8.20
CA GLU A 125 10.77 10.84 -9.10
C GLU A 125 10.24 12.25 -9.37
N ARG A 126 11.13 13.24 -9.24
CA ARG A 126 10.77 14.66 -9.37
C ARG A 126 10.10 15.02 -10.67
N ALA A 127 10.70 14.59 -11.78
CA ALA A 127 10.16 14.84 -13.12
C ALA A 127 8.72 14.36 -13.22
N ILE A 128 8.41 13.27 -12.54
CA ILE A 128 7.05 12.71 -12.55
C ILE A 128 6.14 13.58 -11.66
N LEU A 129 6.60 13.88 -10.45
CA LEU A 129 5.88 14.79 -9.55
C LEU A 129 5.56 16.12 -10.23
N LEU A 130 6.54 16.66 -10.95
CA LEU A 130 6.38 17.93 -11.65
C LEU A 130 5.24 17.81 -12.66
N GLU A 131 5.24 16.71 -13.40
CA GLU A 131 4.21 16.44 -14.39
C GLU A 131 2.83 16.23 -13.76
N LEU A 132 2.78 15.57 -12.59
CA LEU A 132 1.53 15.48 -11.83
C LEU A 132 1.06 16.85 -11.34
N ALA A 133 2.00 17.72 -10.98
CA ALA A 133 1.65 19.03 -10.42
C ALA A 133 1.12 20.01 -11.48
N THR A 134 1.59 19.86 -12.71
CA THR A 134 1.20 20.74 -13.82
C THR A 134 -0.23 20.53 -14.30
N ALA A 135 -0.66 19.27 -14.33
CA ALA A 135 -1.97 18.88 -14.84
C ALA A 135 -3.12 19.68 -14.21
N ILE B 5 6.54 23.43 4.13
CA ILE B 5 5.56 22.61 4.90
C ILE B 5 6.32 21.63 5.80
N ARG B 6 5.93 21.56 7.07
CA ARG B 6 6.54 20.61 8.01
C ARG B 6 5.65 19.38 8.07
N THR B 7 6.21 18.24 8.46
CA THR B 7 5.46 16.98 8.48
C THR B 7 4.24 17.05 9.41
N SER B 8 4.37 17.79 10.52
CA SER B 8 3.26 18.00 11.44
C SER B 8 2.02 18.62 10.78
N GLU B 9 2.24 19.54 9.84
CA GLU B 9 1.15 20.23 9.15
C GLU B 9 0.26 19.29 8.33
N LEU B 10 0.84 18.19 7.86
CA LEU B 10 0.11 17.20 7.06
C LEU B 10 -0.57 16.13 7.91
N LEU B 11 -0.19 16.03 9.18
CA LEU B 11 -0.78 15.06 10.09
C LEU B 11 -2.11 15.60 10.57
N LYS B 12 -3.19 14.95 10.15
CA LYS B 12 -4.55 15.35 10.52
C LYS B 12 -5.27 14.32 11.40
N ARG B 13 -4.78 13.07 11.42
CA ARG B 13 -5.40 11.99 12.17
C ARG B 13 -4.36 11.30 13.05
N PRO B 14 -4.80 10.68 14.16
CA PRO B 14 -3.86 9.86 14.92
C PRO B 14 -3.43 8.61 14.17
N PRO B 15 -2.20 8.12 14.44
CA PRO B 15 -1.71 6.89 13.83
C PRO B 15 -2.37 5.66 14.45
N VAL B 16 -2.36 4.54 13.73
CA VAL B 16 -2.76 3.27 14.29
C VAL B 16 -1.58 2.72 15.10
N SER B 17 -1.79 2.56 16.40
CA SER B 17 -0.79 1.97 17.26
C SER B 17 -1.43 0.90 18.15
N LEU B 18 -0.60 -0.07 18.54
CA LEU B 18 -1.02 -1.17 19.38
C LEU B 18 0.13 -1.51 20.31
N PRO B 19 -0.17 -2.13 21.46
CA PRO B 19 0.92 -2.58 22.30
C PRO B 19 1.77 -3.63 21.59
N GLU B 20 3.04 -3.69 21.96
CA GLU B 20 4.00 -4.64 21.36
C GLU B 20 3.59 -6.11 21.54
N THR B 21 2.65 -6.34 22.45
CA THR B 21 2.05 -7.65 22.69
C THR B 21 0.93 -8.03 21.70
N ALA B 22 0.60 -7.13 20.78
CA ALA B 22 -0.49 -7.37 19.82
C ALA B 22 -0.27 -8.63 18.98
N THR B 23 -1.38 -9.30 18.66
CA THR B 23 -1.35 -10.43 17.73
C THR B 23 -1.40 -9.88 16.31
N ILE B 24 -1.08 -10.74 15.35
CA ILE B 24 -1.10 -10.35 13.95
C ILE B 24 -2.52 -9.90 13.54
N ARG B 25 -3.54 -10.67 13.93
CA ARG B 25 -4.92 -10.35 13.56
C ARG B 25 -5.44 -9.06 14.21
N GLU B 26 -4.96 -8.76 15.41
CA GLU B 26 -5.29 -7.51 16.10
C GLU B 26 -4.80 -6.31 15.32
N VAL B 27 -3.58 -6.41 14.78
CA VAL B 27 -3.02 -5.35 13.95
C VAL B 27 -3.83 -5.20 12.67
N ALA B 28 -4.14 -6.33 12.01
CA ALA B 28 -4.95 -6.35 10.80
C ALA B 28 -6.34 -5.71 11.03
N THR B 29 -6.95 -5.99 12.17
CA THR B 29 -8.26 -5.40 12.52
C THR B 29 -8.19 -3.87 12.57
N GLU B 30 -7.18 -3.34 13.25
CA GLU B 30 -7.04 -1.89 13.38
C GLU B 30 -6.68 -1.20 12.05
N LEU B 31 -5.83 -1.84 11.27
CA LEU B 31 -5.46 -1.31 9.95
C LEU B 31 -6.65 -1.30 8.99
N ALA B 32 -7.37 -2.41 8.92
CA ALA B 32 -8.55 -2.54 8.05
C ALA B 32 -9.60 -1.49 8.37
N LYS B 33 -9.87 -1.35 9.66
CA LYS B 33 -10.85 -0.40 10.19
C LYS B 33 -10.53 1.05 9.84
N ASN B 34 -9.26 1.44 9.97
CA ASN B 34 -8.85 2.83 9.78
C ASN B 34 -8.36 3.14 8.36
N ARG B 35 -8.37 2.12 7.50
CA ARG B 35 -8.04 2.24 6.08
CA ARG B 35 -8.05 2.26 6.07
C ARG B 35 -6.63 2.77 5.87
N VAL B 36 -5.69 2.29 6.67
CA VAL B 36 -4.30 2.68 6.53
C VAL B 36 -3.43 1.42 6.48
N GLY B 37 -2.20 1.58 6.02
CA GLY B 37 -1.34 0.46 5.72
C GLY B 37 -0.24 0.11 6.71
N LEU B 38 0.09 1.01 7.65
CA LEU B 38 1.16 0.76 8.61
C LEU B 38 0.70 1.03 10.04
N ALA B 39 1.01 0.08 10.91
CA ALA B 39 0.70 0.16 12.34
C ALA B 39 2.01 0.27 13.14
N VAL B 40 1.98 1.05 14.20
CA VAL B 40 3.11 1.17 15.08
C VAL B 40 2.88 0.31 16.32
N LEU B 41 3.87 -0.50 16.67
CA LEU B 41 3.84 -1.24 17.93
C LEU B 41 4.58 -0.40 18.97
N THR B 42 3.96 -0.23 20.13
CA THR B 42 4.49 0.67 21.15
C THR B 42 4.98 -0.10 22.38
N ALA B 43 5.84 0.53 23.15
CA ALA B 43 6.47 -0.10 24.31
C ALA B 43 5.48 -0.39 25.43
N ARG B 44 5.69 -1.50 26.12
CA ARG B 44 4.92 -1.87 27.32
CA ARG B 44 4.87 -1.86 27.28
C ARG B 44 4.91 -0.77 28.36
N ASP B 45 6.05 -0.09 28.50
CA ASP B 45 6.22 0.95 29.52
C ASP B 45 5.82 2.36 29.06
N ASN B 46 5.49 2.52 27.77
CA ASN B 46 5.10 3.83 27.24
C ASN B 46 4.36 3.65 25.91
N PRO B 47 3.02 3.85 25.90
CA PRO B 47 2.24 3.64 24.68
C PRO B 47 2.49 4.70 23.62
N LYS B 48 3.29 5.72 23.93
CA LYS B 48 3.67 6.75 22.97
C LYS B 48 5.08 6.56 22.45
N ARG B 49 5.75 5.47 22.83
CA ARG B 49 7.11 5.21 22.38
C ARG B 49 7.10 4.10 21.33
N PRO B 50 7.48 4.43 20.09
CA PRO B 50 7.52 3.41 19.05
C PRO B 50 8.63 2.38 19.28
N VAL B 51 8.31 1.11 19.04
CA VAL B 51 9.25 0.00 19.16
C VAL B 51 9.44 -0.73 17.81
N ALA B 52 8.35 -0.90 17.06
CA ALA B 52 8.41 -1.53 15.76
C ALA B 52 7.21 -1.11 14.93
N VAL B 53 7.25 -1.43 13.63
CA VAL B 53 6.12 -1.18 12.74
C VAL B 53 5.73 -2.47 12.02
N VAL B 54 4.43 -2.59 11.77
CA VAL B 54 3.85 -3.71 11.00
C VAL B 54 3.02 -3.16 9.86
N SER B 55 3.37 -3.60 8.66
CA SER B 55 2.73 -3.19 7.44
C SER B 55 1.73 -4.24 7.02
N GLU B 56 0.74 -3.84 6.24
CA GLU B 56 -0.15 -4.80 5.56
C GLU B 56 0.65 -5.78 4.69
N ARG B 57 1.82 -5.33 4.21
CA ARG B 57 2.76 -6.18 3.48
C ARG B 57 3.29 -7.35 4.32
N ASP B 58 3.59 -7.08 5.59
CA ASP B 58 4.07 -8.08 6.53
C ASP B 58 2.96 -9.11 6.82
N ILE B 59 1.73 -8.62 6.96
CA ILE B 59 0.59 -9.49 7.24
C ILE B 59 0.33 -10.38 6.01
N LEU B 60 0.44 -9.78 4.82
CA LEU B 60 0.33 -10.50 3.54
C LEU B 60 1.29 -11.69 3.48
N ARG B 61 2.54 -11.43 3.84
N ARG B 61 2.55 -11.41 3.82
CA ARG B 61 3.59 -12.44 3.85
CA ARG B 61 3.60 -12.45 3.87
C ARG B 61 3.33 -13.52 4.91
C ARG B 61 3.27 -13.53 4.89
N ALA B 62 2.76 -13.13 6.05
CA ALA B 62 2.35 -14.09 7.10
C ALA B 62 1.27 -15.04 6.59
N VAL B 63 0.31 -14.50 5.83
CA VAL B 63 -0.71 -15.31 5.15
C VAL B 63 -0.07 -16.28 4.15
N ALA B 64 0.81 -15.77 3.29
CA ALA B 64 1.53 -16.58 2.32
C ALA B 64 2.24 -17.76 2.98
N GLN B 65 2.85 -17.51 4.14
CA GLN B 65 3.65 -18.51 4.86
C GLN B 65 2.83 -19.38 5.84
N ARG B 66 1.52 -19.22 5.83
CA ARG B 66 0.62 -19.95 6.76
C ARG B 66 1.02 -19.83 8.23
N LEU B 67 1.40 -18.63 8.66
CA LEU B 67 1.65 -18.39 10.07
C LEU B 67 0.33 -18.39 10.82
N ASP B 68 0.37 -18.69 12.11
CA ASP B 68 -0.79 -18.53 12.99
C ASP B 68 -1.02 -17.03 13.17
N LEU B 69 -2.13 -16.54 12.62
CA LEU B 69 -2.41 -15.10 12.62
C LEU B 69 -2.92 -14.60 13.98
N ASP B 70 -3.17 -15.53 14.90
CA ASP B 70 -3.45 -15.19 16.29
C ASP B 70 -2.19 -15.22 17.16
N GLY B 71 -1.06 -15.55 16.54
CA GLY B 71 0.25 -15.44 17.20
C GLY B 71 0.69 -13.99 17.23
N PRO B 72 1.83 -13.71 17.90
CA PRO B 72 2.32 -12.35 18.11
C PRO B 72 2.76 -11.63 16.83
N ALA B 73 2.50 -10.34 16.75
CA ALA B 73 2.90 -9.52 15.59
C ALA B 73 4.38 -9.10 15.60
N MET B 74 4.99 -8.99 16.79
CA MET B 74 6.37 -8.49 16.88
C MET B 74 7.37 -9.25 15.98
N PRO B 75 7.31 -10.59 15.96
CA PRO B 75 8.22 -11.32 15.05
C PRO B 75 8.12 -10.94 13.56
N ILE B 76 6.97 -10.45 13.08
CA ILE B 76 6.85 -9.99 11.68
C ILE B 76 7.11 -8.48 11.51
N ALA B 77 7.39 -7.80 12.61
CA ALA B 77 7.57 -6.34 12.61
C ALA B 77 8.99 -5.98 12.23
N ASN B 78 9.20 -4.70 11.91
CA ASN B 78 10.52 -4.16 11.60
C ASN B 78 10.78 -2.85 12.34
N SER B 79 12.03 -2.46 12.39
CA SER B 79 12.44 -1.26 13.11
C SER B 79 11.83 -0.05 12.38
N PRO B 80 11.31 0.94 13.12
CA PRO B 80 10.67 2.06 12.42
C PRO B 80 11.67 2.98 11.74
N ILE B 81 11.28 3.52 10.59
CA ILE B 81 12.02 4.60 9.93
C ILE B 81 11.25 5.87 10.28
N THR B 82 11.95 6.86 10.83
CA THR B 82 11.30 8.02 11.41
C THR B 82 11.79 9.35 10.86
N VAL B 83 10.90 10.34 10.91
CA VAL B 83 11.23 11.75 10.67
C VAL B 83 10.66 12.55 11.83
N LEU B 84 11.17 13.76 12.04
CA LEU B 84 10.66 14.65 13.08
C LEU B 84 9.40 15.36 12.61
N ASP B 85 8.52 15.67 13.57
CA ASP B 85 7.34 16.50 13.32
C ASP B 85 7.77 17.88 12.79
N THR B 86 8.98 18.27 13.20
CA THR B 86 9.60 19.53 12.82
C THR B 86 10.27 19.50 11.44
N ASP B 87 10.50 18.31 10.89
CA ASP B 87 11.19 18.20 9.60
C ASP B 87 10.34 18.70 8.44
N PRO B 88 10.99 19.32 7.44
CA PRO B 88 10.26 19.67 6.23
C PRO B 88 9.78 18.40 5.53
N VAL B 89 8.65 18.47 4.86
CA VAL B 89 8.06 17.31 4.21
C VAL B 89 8.96 16.66 3.16
N HIS B 90 9.86 17.43 2.54
CA HIS B 90 10.80 16.84 1.57
C HIS B 90 11.69 15.75 2.20
N VAL B 91 11.99 15.89 3.49
CA VAL B 91 12.77 14.88 4.20
C VAL B 91 11.97 13.57 4.30
N ALA B 92 10.67 13.69 4.57
CA ALA B 92 9.78 12.53 4.63
C ALA B 92 9.74 11.79 3.28
N ALA B 93 9.60 12.55 2.20
CA ALA B 93 9.59 12.02 0.83
C ALA B 93 10.93 11.35 0.46
N GLU B 94 12.02 11.94 0.91
CA GLU B 94 13.36 11.38 0.68
C GLU B 94 13.54 10.03 1.36
N LYS B 95 13.08 9.89 2.59
CA LYS B 95 13.23 8.63 3.31
C LYS B 95 12.36 7.50 2.74
N MET B 96 11.15 7.83 2.32
CA MET B 96 10.26 6.86 1.66
C MET B 96 10.89 6.32 0.37
N ARG B 97 11.42 7.25 -0.41
N ARG B 97 11.43 7.22 -0.44
CA ARG B 97 12.05 6.99 -1.69
CA ARG B 97 12.02 6.82 -1.71
C ARG B 97 13.34 6.16 -1.54
C ARG B 97 13.34 6.08 -1.50
N ARG B 98 14.20 6.61 -0.64
CA ARG B 98 15.53 6.02 -0.44
C ARG B 98 15.50 4.70 0.33
N HIS B 99 14.49 4.52 1.19
CA HIS B 99 14.28 3.23 1.87
C HIS B 99 13.25 2.36 1.17
N ASN B 100 12.69 2.86 0.06
CA ASN B 100 11.64 2.16 -0.69
C ASN B 100 10.48 1.70 0.20
N ILE B 101 9.92 2.65 0.93
CA ILE B 101 8.78 2.37 1.80
C ILE B 101 7.71 3.41 1.53
N ARG B 102 6.46 3.05 1.86
CA ARG B 102 5.33 3.93 1.56
C ARG B 102 4.84 4.72 2.75
N HIS B 103 5.56 4.62 3.87
CA HIS B 103 5.23 5.38 5.09
C HIS B 103 6.49 5.80 5.81
N VAL B 104 6.36 6.84 6.62
CA VAL B 104 7.36 7.17 7.62
C VAL B 104 6.64 7.42 8.94
N VAL B 105 7.31 7.09 10.03
CA VAL B 105 6.76 7.33 11.37
C VAL B 105 7.23 8.70 11.83
N VAL B 106 6.29 9.55 12.26
CA VAL B 106 6.61 10.90 12.67
C VAL B 106 6.71 10.95 14.19
N VAL B 107 7.91 11.29 14.69
CA VAL B 107 8.16 11.42 16.12
C VAL B 107 8.58 12.86 16.45
N ASN B 108 8.46 13.24 17.72
CA ASN B 108 8.93 14.55 18.18
C ASN B 108 10.36 14.48 18.71
N LYS B 109 10.87 15.64 19.14
CA LYS B 109 12.21 15.77 19.73
C LYS B 109 12.50 14.77 20.86
N ASN B 110 11.47 14.44 21.62
CA ASN B 110 11.60 13.51 22.75
C ASN B 110 11.34 12.04 22.41
N GLY B 111 11.17 11.74 21.12
CA GLY B 111 11.00 10.37 20.64
C GLY B 111 9.61 9.77 20.79
N GLU B 112 8.61 10.58 21.11
CA GLU B 112 7.24 10.08 21.21
C GLU B 112 6.54 10.08 19.84
N LEU B 113 5.66 9.11 19.65
CA LEU B 113 4.90 8.95 18.41
C LEU B 113 3.91 10.10 18.22
N VAL B 114 4.06 10.82 17.11
CA VAL B 114 3.19 11.93 16.74
C VAL B 114 2.17 11.49 15.68
N GLY B 115 2.65 10.73 14.70
CA GLY B 115 1.80 10.25 13.63
C GLY B 115 2.54 9.38 12.64
N VAL B 116 1.81 9.00 11.58
CA VAL B 116 2.38 8.28 10.46
C VAL B 116 1.98 8.99 9.17
N LEU B 117 2.98 9.22 8.32
CA LEU B 117 2.76 9.86 7.04
C LEU B 117 2.82 8.82 5.92
N SER B 118 1.85 8.88 5.02
CA SER B 118 1.79 8.01 3.84
C SER B 118 2.25 8.75 2.58
N ILE B 119 2.81 8.01 1.62
CA ILE B 119 3.14 8.58 0.30
C ILE B 119 1.87 9.17 -0.35
N ARG B 120 0.73 8.54 -0.03
CA ARG B 120 -0.59 9.02 -0.43
C ARG B 120 -0.87 10.44 0.10
N ASP B 121 -0.38 10.76 1.30
CA ASP B 121 -0.54 12.10 1.89
C ASP B 121 0.28 13.18 1.18
N LEU B 122 1.36 12.78 0.50
CA LEU B 122 2.29 13.72 -0.12
C LEU B 122 2.07 13.94 -1.62
N CYS B 123 1.54 12.93 -2.29
CA CYS B 123 1.53 12.89 -3.75
C CYS B 123 0.34 13.51 -4.49
N PHE B 124 -0.76 13.79 -3.82
CA PHE B 124 -1.96 14.23 -4.54
C PHE B 124 -2.26 15.74 -4.55
N GLU B 125 -1.92 16.45 -3.47
CA GLU B 125 -2.12 17.92 -3.42
C GLU B 125 -1.06 18.63 -4.26
N ARG B 126 -1.51 19.59 -5.07
CA ARG B 126 -0.59 20.34 -5.95
C ARG B 126 0.51 21.09 -5.16
N ALA B 127 0.12 21.69 -4.04
CA ALA B 127 1.03 22.50 -3.22
C ALA B 127 2.15 21.66 -2.62
N ILE B 128 1.82 20.45 -2.18
CA ILE B 128 2.81 19.52 -1.64
C ILE B 128 3.65 18.98 -2.80
N LEU B 129 2.98 18.59 -3.88
CA LEU B 129 3.64 18.11 -5.11
C LEU B 129 4.66 19.10 -5.64
N LEU B 130 4.26 20.37 -5.75
CA LEU B 130 5.15 21.41 -6.27
C LEU B 130 6.32 21.64 -5.33
N GLU B 131 6.08 21.58 -4.03
CA GLU B 131 7.14 21.69 -3.04
C GLU B 131 8.16 20.54 -3.18
N LEU B 132 7.65 19.32 -3.27
CA LEU B 132 8.50 18.15 -3.49
C LEU B 132 9.14 18.12 -4.88
N ALA B 133 8.46 18.71 -5.86
CA ALA B 133 8.95 18.74 -7.25
C ALA B 133 10.17 19.65 -7.44
N THR B 134 10.34 20.62 -6.54
CA THR B 134 11.40 21.61 -6.67
C THR B 134 12.39 21.54 -5.50
#